data_2BDM
#
_entry.id   2BDM
#
_cell.length_a   203.210
_cell.length_b   203.210
_cell.length_c   103.450
_cell.angle_alpha   90.00
_cell.angle_beta   90.00
_cell.angle_gamma   120.00
#
_symmetry.space_group_name_H-M   'P 61 2 2'
#
loop_
_entity.id
_entity.type
_entity.pdbx_description
1 polymer 'Cytochrome P450 2B4'
2 non-polymer 'PROTOPORPHYRIN IX CONTAINING FE'
3 non-polymer 1-[PHENYL-(4-PHENYLPHENYL)-METHYL]IMIDAZOLE
4 non-polymer 5-CYCLOHEXYL-1-PENTYL-BETA-D-MALTOSIDE
5 water water
#
_entity_poly.entity_id   1
_entity_poly.type   'polypeptide(L)'
_entity_poly.pdbx_seq_one_letter_code
;MAKKTSSKGKLPPGPSPLPVLGNLLQMDRKGLLRSFLRLREKYGDVFTVYLGSRPVVVLCGTDAIREALVDQAEAFSGRG
KIAVVDPIFQGYGVIFANGERWRALRRFSLATMRDFGMGKRSVEERIQEEARCLVEELRKSKGALLDNTLLFHSITSNII
CSIVFGKRFDYKDPVFLRLLDLFFQSFSLISSFSSQVFELFSGFLKYFPGTHRQIYRNLQEINTFIGQSVEKHRATLDPS
NPRDFIDVYLLRMEKDKSDPSSEFHHQNLILTVLSLFFAGTETTSTTLRYGFLLMLKYPHVTERVQKEIEQVIGSHRPPA
LDDRAKMPYTDAVIHEIQRLGDLIPFGVPHTVTKDTQFRGYVIPKNTEVFPVLSSALHDPRYFETPNTFNPGHFLDANGA
LKRNEGFMPFSLGKRICLGEGIARTELFLFFTTILQNFSIASPVPPEDIDLTPRESGVGNVPPSYQIRFLARHHHH
;
_entity_poly.pdbx_strand_id   A
#
loop_
_chem_comp.id
_chem_comp.type
_chem_comp.name
_chem_comp.formula
CM5 non-polymer 5-CYCLOHEXYL-1-PENTYL-BETA-D-MALTOSIDE 'C23 H42 O11'
HEM non-polymer 'PROTOPORPHYRIN IX CONTAINING FE' 'C34 H32 Fe N4 O4'
TMI non-polymer 1-[PHENYL-(4-PHENYLPHENYL)-METHYL]IMIDAZOLE 'C22 H18 N2'
#
# COMPACT_ATOMS: atom_id res chain seq x y z
N GLY A 9 26.06 -8.90 -23.71
CA GLY A 9 26.29 -10.36 -23.48
C GLY A 9 26.63 -10.63 -22.03
N LYS A 10 26.61 -9.57 -21.23
CA LYS A 10 26.93 -9.66 -19.82
C LYS A 10 25.90 -8.84 -19.03
N LEU A 11 25.97 -8.91 -17.71
CA LEU A 11 25.07 -8.17 -16.84
C LEU A 11 25.28 -6.68 -17.08
N PRO A 12 24.24 -5.87 -16.84
CA PRO A 12 24.41 -4.44 -17.05
C PRO A 12 25.61 -3.97 -16.23
N PRO A 13 26.22 -2.84 -16.62
CA PRO A 13 27.38 -2.30 -15.89
C PRO A 13 27.00 -1.82 -14.48
N GLY A 14 28.00 -1.65 -13.63
CA GLY A 14 27.73 -1.18 -12.28
C GLY A 14 28.94 -1.34 -11.38
N PRO A 15 28.84 -0.87 -10.13
CA PRO A 15 29.95 -0.97 -9.19
C PRO A 15 30.27 -2.41 -8.80
N SER A 16 31.49 -2.63 -8.34
CA SER A 16 31.94 -3.95 -7.94
C SER A 16 31.44 -4.29 -6.54
N PRO A 17 31.27 -5.58 -6.24
CA PRO A 17 30.80 -5.99 -4.92
C PRO A 17 31.89 -5.70 -3.88
N LEU A 18 33.14 -5.71 -4.34
CA LEU A 18 34.29 -5.45 -3.48
C LEU A 18 34.50 -3.94 -3.35
N PRO A 19 35.17 -3.49 -2.29
CA PRO A 19 35.76 -4.30 -1.21
C PRO A 19 34.71 -4.78 -0.22
N VAL A 20 35.04 -5.80 0.55
CA VAL A 20 34.12 -6.35 1.53
C VAL A 20 34.03 -5.48 2.77
N LEU A 21 35.15 -4.87 3.17
CA LEU A 21 35.17 -3.99 4.34
C LEU A 21 34.59 -2.61 4.03
N GLY A 22 33.88 -2.50 2.92
CA GLY A 22 33.31 -1.21 2.52
C GLY A 22 31.92 -0.94 3.10
N ASN A 23 31.84 -0.93 4.43
CA ASN A 23 30.59 -0.69 5.14
C ASN A 23 29.35 -1.26 4.46
N LEU A 24 28.98 -2.48 4.85
CA LEU A 24 27.82 -3.16 4.30
C LEU A 24 26.58 -2.75 5.10
N LEU A 25 26.61 -1.54 5.66
CA LEU A 25 25.51 -1.04 6.47
C LEU A 25 24.81 0.18 5.84
N GLN A 26 24.29 0.01 4.63
CA GLN A 26 23.58 1.09 3.95
C GLN A 26 22.20 1.13 4.60
N MET A 27 21.87 2.25 5.24
CA MET A 27 20.59 2.35 5.94
C MET A 27 19.99 3.76 6.01
N ASP A 28 19.43 4.23 4.89
CA ASP A 28 18.81 5.55 4.84
C ASP A 28 18.62 6.00 3.40
N ARG A 29 17.45 6.56 3.11
CA ARG A 29 17.15 7.01 1.75
C ARG A 29 17.84 8.32 1.37
N LYS A 30 18.01 9.23 2.34
CA LYS A 30 18.66 10.50 2.08
C LYS A 30 20.07 10.27 1.54
N GLY A 31 20.63 9.11 1.86
CA GLY A 31 21.96 8.77 1.39
C GLY A 31 21.92 7.67 0.35
N LEU A 32 20.79 6.97 0.29
CA LEU A 32 20.63 5.89 -0.68
C LEU A 32 20.19 6.53 -2.00
N LEU A 33 19.51 7.65 -1.89
CA LEU A 33 19.05 8.37 -3.07
C LEU A 33 20.29 9.01 -3.71
N ARG A 34 21.15 9.55 -2.85
CA ARG A 34 22.37 10.19 -3.30
C ARG A 34 23.21 9.16 -4.06
N SER A 35 23.27 7.95 -3.51
CA SER A 35 24.03 6.88 -4.13
C SER A 35 23.36 6.44 -5.41
N PHE A 36 22.03 6.31 -5.36
CA PHE A 36 21.27 5.90 -6.53
C PHE A 36 21.49 6.86 -7.69
N LEU A 37 21.34 8.16 -7.42
CA LEU A 37 21.52 9.20 -8.44
C LEU A 37 22.90 9.18 -9.05
N ARG A 38 23.91 8.96 -8.22
CA ARG A 38 25.28 8.92 -8.68
C ARG A 38 25.45 7.73 -9.64
N LEU A 39 25.00 6.56 -9.23
CA LEU A 39 25.11 5.35 -10.06
C LEU A 39 24.42 5.50 -11.42
N ARG A 40 23.21 6.07 -11.41
CA ARG A 40 22.46 6.25 -12.64
C ARG A 40 23.18 7.21 -13.58
N GLU A 41 23.71 8.29 -13.01
CA GLU A 41 24.42 9.30 -13.79
C GLU A 41 25.68 8.72 -14.44
N LYS A 42 26.33 7.80 -13.73
CA LYS A 42 27.55 7.18 -14.22
C LYS A 42 27.37 5.96 -15.12
N TYR A 43 26.46 5.06 -14.76
CA TYR A 43 26.25 3.84 -15.54
C TYR A 43 25.07 3.84 -16.50
N GLY A 44 24.13 4.76 -16.33
CA GLY A 44 22.98 4.80 -17.21
C GLY A 44 21.67 4.38 -16.55
N ASP A 45 20.63 4.18 -17.37
CA ASP A 45 19.31 3.79 -16.88
C ASP A 45 19.18 2.33 -16.46
N VAL A 46 20.16 1.51 -16.83
CA VAL A 46 20.12 0.10 -16.46
C VAL A 46 21.47 -0.31 -15.90
N PHE A 47 21.53 -0.55 -14.61
CA PHE A 47 22.78 -0.96 -13.98
C PHE A 47 22.58 -2.08 -12.98
N THR A 48 23.70 -2.65 -12.56
CA THR A 48 23.70 -3.75 -11.63
C THR A 48 24.42 -3.34 -10.34
N VAL A 49 23.80 -3.65 -9.21
CA VAL A 49 24.42 -3.37 -7.91
C VAL A 49 24.35 -4.69 -7.16
N TYR A 50 25.27 -4.89 -6.22
CA TYR A 50 25.30 -6.13 -5.48
C TYR A 50 24.81 -6.01 -4.05
N LEU A 51 24.03 -6.99 -3.61
CA LEU A 51 23.57 -7.07 -2.24
C LEU A 51 24.37 -8.28 -1.78
N GLY A 52 25.47 -8.03 -1.08
CA GLY A 52 26.32 -9.14 -0.68
C GLY A 52 26.99 -9.57 -1.98
N SER A 53 26.88 -10.83 -2.34
CA SER A 53 27.49 -11.29 -3.59
C SER A 53 26.39 -11.49 -4.64
N ARG A 54 25.18 -11.05 -4.30
CA ARG A 54 24.02 -11.18 -5.17
C ARG A 54 23.84 -10.01 -6.13
N PRO A 55 23.79 -10.29 -7.45
CA PRO A 55 23.61 -9.23 -8.42
C PRO A 55 22.14 -8.84 -8.48
N VAL A 56 21.87 -7.54 -8.51
CA VAL A 56 20.51 -7.04 -8.57
C VAL A 56 20.51 -6.00 -9.68
N VAL A 57 19.60 -6.15 -10.63
CA VAL A 57 19.49 -5.22 -11.76
C VAL A 57 18.48 -4.13 -11.40
N VAL A 58 18.84 -2.89 -11.72
CA VAL A 58 18.00 -1.73 -11.43
C VAL A 58 17.56 -1.04 -12.72
N LEU A 59 16.26 -0.84 -12.89
CA LEU A 59 15.73 -0.18 -14.08
C LEU A 59 15.29 1.24 -13.72
N CYS A 60 15.74 2.22 -14.49
CA CYS A 60 15.40 3.62 -14.24
C CYS A 60 14.68 4.27 -15.39
N GLY A 61 13.72 5.13 -15.05
CA GLY A 61 12.95 5.83 -16.06
C GLY A 61 11.85 5.03 -16.70
N THR A 62 10.87 5.75 -17.23
CA THR A 62 9.71 5.18 -17.88
C THR A 62 10.05 4.17 -18.99
N ASP A 63 10.96 4.56 -19.88
CA ASP A 63 11.32 3.69 -21.01
C ASP A 63 11.86 2.33 -20.62
N ALA A 64 12.90 2.31 -19.81
CA ALA A 64 13.50 1.04 -19.38
C ALA A 64 12.50 0.16 -18.63
N ILE A 65 11.71 0.77 -17.74
CA ILE A 65 10.75 0.01 -16.95
C ILE A 65 9.65 -0.61 -17.81
N ARG A 66 9.10 0.16 -18.75
CA ARG A 66 8.06 -0.36 -19.63
C ARG A 66 8.61 -1.38 -20.63
N GLU A 67 9.85 -1.18 -21.06
CA GLU A 67 10.47 -2.11 -22.01
C GLU A 67 10.60 -3.47 -21.35
N ALA A 68 10.78 -3.47 -20.03
CA ALA A 68 10.91 -4.72 -19.30
C ALA A 68 9.56 -5.29 -18.86
N LEU A 69 8.83 -4.52 -18.05
CA LEU A 69 7.55 -5.01 -17.53
C LEU A 69 6.47 -5.21 -18.58
N VAL A 70 6.50 -4.39 -19.63
CA VAL A 70 5.49 -4.50 -20.68
C VAL A 70 6.00 -5.21 -21.95
N ASP A 71 7.02 -4.64 -22.59
CA ASP A 71 7.55 -5.21 -23.84
C ASP A 71 8.12 -6.62 -23.71
N GLN A 72 8.61 -6.97 -22.53
CA GLN A 72 9.11 -8.33 -22.31
C GLN A 72 8.42 -8.84 -21.03
N ALA A 73 7.14 -8.52 -20.93
CA ALA A 73 6.28 -8.86 -19.79
C ALA A 73 6.51 -10.25 -19.18
N GLU A 74 6.47 -11.28 -20.01
CA GLU A 74 6.66 -12.63 -19.51
C GLU A 74 8.03 -12.84 -18.88
N ALA A 75 9.06 -12.32 -19.53
CA ALA A 75 10.42 -12.46 -19.05
C ALA A 75 10.63 -11.86 -17.66
N PHE A 76 9.98 -10.72 -17.41
CA PHE A 76 10.10 -10.01 -16.14
C PHE A 76 8.91 -10.27 -15.22
N SER A 77 8.21 -11.38 -15.43
CA SER A 77 7.04 -11.69 -14.61
C SER A 77 7.32 -12.49 -13.34
N GLY A 78 8.58 -12.83 -13.10
CA GLY A 78 8.90 -13.60 -11.91
C GLY A 78 8.81 -12.83 -10.60
N ARG A 79 8.45 -13.53 -9.54
CA ARG A 79 8.33 -12.94 -8.21
C ARG A 79 9.70 -12.61 -7.65
N GLY A 80 9.78 -11.51 -6.90
CA GLY A 80 11.04 -11.11 -6.29
C GLY A 80 11.40 -12.04 -5.15
N LYS A 81 12.57 -11.85 -4.57
CA LYS A 81 13.03 -12.70 -3.47
C LYS A 81 13.15 -11.88 -2.19
N ILE A 82 13.17 -12.57 -1.07
CA ILE A 82 13.35 -11.90 0.21
C ILE A 82 14.80 -12.19 0.58
N ALA A 83 15.61 -11.14 0.58
CA ALA A 83 17.04 -11.28 0.88
C ALA A 83 17.47 -10.60 2.19
N VAL A 84 18.45 -11.20 2.85
CA VAL A 84 18.98 -10.65 4.09
C VAL A 84 19.79 -9.40 3.77
N VAL A 85 19.49 -8.31 4.47
CA VAL A 85 20.17 -7.04 4.23
C VAL A 85 21.30 -6.75 5.23
N ASP A 86 21.29 -7.41 6.38
CA ASP A 86 22.33 -7.24 7.39
C ASP A 86 23.67 -7.74 6.83
N PRO A 87 24.80 -7.29 7.42
CA PRO A 87 26.10 -7.76 6.93
C PRO A 87 26.24 -9.28 7.02
N ILE A 88 25.71 -9.87 8.08
CA ILE A 88 25.79 -11.33 8.24
C ILE A 88 24.78 -12.00 7.29
N PHE A 89 25.24 -12.97 6.51
CA PHE A 89 24.38 -13.67 5.55
C PHE A 89 23.87 -12.63 4.53
N GLN A 90 24.61 -11.54 4.36
CA GLN A 90 24.15 -10.51 3.43
C GLN A 90 23.85 -11.04 2.03
N GLY A 91 22.63 -10.78 1.57
CA GLY A 91 22.23 -11.22 0.25
C GLY A 91 21.59 -12.59 0.20
N TYR A 92 21.76 -13.41 1.22
CA TYR A 92 21.16 -14.75 1.21
C TYR A 92 19.65 -14.67 1.07
N GLY A 93 19.10 -15.55 0.25
CA GLY A 93 17.66 -15.59 0.07
C GLY A 93 17.08 -16.44 1.18
N VAL A 94 15.90 -16.06 1.66
CA VAL A 94 15.24 -16.78 2.74
C VAL A 94 13.86 -17.23 2.27
N ILE A 95 13.51 -18.48 2.53
CA ILE A 95 12.22 -19.00 2.09
C ILE A 95 11.61 -19.92 3.13
N PHE A 96 10.35 -20.28 2.94
CA PHE A 96 9.68 -21.22 3.83
C PHE A 96 10.22 -22.58 3.42
N ALA A 97 10.56 -23.40 4.42
CA ALA A 97 11.11 -24.73 4.18
C ALA A 97 10.12 -25.65 3.44
N ASN A 98 8.84 -25.50 3.75
CA ASN A 98 7.79 -26.32 3.16
C ASN A 98 7.10 -25.58 2.01
N GLY A 99 7.43 -25.96 0.79
CA GLY A 99 6.84 -25.32 -0.38
C GLY A 99 5.32 -25.28 -0.41
N GLU A 100 4.69 -26.28 0.22
CA GLU A 100 3.23 -26.34 0.24
C GLU A 100 2.61 -25.17 1.02
N ARG A 101 3.27 -24.79 2.11
CA ARG A 101 2.78 -23.67 2.92
C ARG A 101 2.63 -22.44 2.04
N TRP A 102 3.63 -22.22 1.19
CA TRP A 102 3.61 -21.09 0.29
C TRP A 102 2.47 -21.19 -0.72
N ARG A 103 2.34 -22.34 -1.36
CA ARG A 103 1.28 -22.54 -2.36
C ARG A 103 -0.10 -22.35 -1.71
N ALA A 104 -0.27 -22.89 -0.51
CA ALA A 104 -1.54 -22.74 0.20
C ALA A 104 -1.83 -21.24 0.42
N LEU A 105 -0.79 -20.49 0.82
CA LEU A 105 -0.94 -19.06 1.05
C LEU A 105 -1.44 -18.35 -0.19
N ARG A 106 -0.80 -18.61 -1.32
CA ARG A 106 -1.22 -17.98 -2.58
C ARG A 106 -2.67 -18.34 -2.88
N ARG A 107 -3.01 -19.60 -2.67
CA ARG A 107 -4.35 -20.09 -2.93
C ARG A 107 -5.41 -19.37 -2.08
N PHE A 108 -5.24 -19.39 -0.76
CA PHE A 108 -6.21 -18.71 0.11
C PHE A 108 -6.29 -17.24 -0.24
N SER A 109 -5.13 -16.63 -0.49
CA SER A 109 -5.09 -15.20 -0.82
C SER A 109 -6.01 -14.88 -1.98
N LEU A 110 -5.88 -15.64 -3.06
CA LEU A 110 -6.70 -15.42 -4.24
C LEU A 110 -8.16 -15.73 -3.96
N ALA A 111 -8.43 -16.87 -3.35
CA ALA A 111 -9.80 -17.25 -3.04
C ALA A 111 -10.48 -16.14 -2.24
N THR A 112 -9.84 -15.71 -1.16
CA THR A 112 -10.40 -14.66 -0.32
C THR A 112 -10.59 -13.39 -1.12
N MET A 113 -9.63 -13.09 -1.98
CA MET A 113 -9.72 -11.89 -2.80
C MET A 113 -10.98 -11.97 -3.67
N ARG A 114 -11.28 -13.16 -4.20
CA ARG A 114 -12.47 -13.34 -5.02
C ARG A 114 -13.72 -13.18 -4.18
N ASP A 115 -13.74 -13.79 -2.99
CA ASP A 115 -14.89 -13.71 -2.11
C ASP A 115 -15.26 -12.28 -1.71
N PHE A 116 -14.27 -11.41 -1.58
CA PHE A 116 -14.55 -10.03 -1.19
C PHE A 116 -15.23 -9.26 -2.32
N GLY A 117 -15.06 -9.71 -3.55
CA GLY A 117 -15.69 -9.06 -4.68
C GLY A 117 -17.09 -9.59 -4.92
N MET A 118 -17.60 -10.35 -3.95
CA MET A 118 -18.93 -10.93 -4.07
C MET A 118 -19.88 -10.38 -3.00
N GLY A 119 -21.12 -10.83 -3.04
CA GLY A 119 -22.12 -10.36 -2.09
C GLY A 119 -23.17 -9.48 -2.76
N LYS A 120 -24.31 -9.31 -2.11
CA LYS A 120 -25.37 -8.48 -2.66
C LYS A 120 -24.96 -7.02 -2.55
N ARG A 121 -24.37 -6.68 -1.41
CA ARG A 121 -23.91 -5.32 -1.15
C ARG A 121 -22.55 -5.08 -1.82
N SER A 122 -22.47 -4.02 -2.61
CA SER A 122 -21.23 -3.70 -3.32
C SER A 122 -20.20 -3.04 -2.41
N VAL A 123 -18.95 -3.08 -2.83
CA VAL A 123 -17.88 -2.47 -2.06
C VAL A 123 -18.05 -0.95 -2.12
N GLU A 124 -18.46 -0.46 -3.28
CA GLU A 124 -18.67 0.98 -3.45
C GLU A 124 -19.65 1.48 -2.41
N GLU A 125 -20.71 0.72 -2.18
CA GLU A 125 -21.72 1.11 -1.21
C GLU A 125 -21.15 1.17 0.20
N ARG A 126 -20.27 0.22 0.53
CA ARG A 126 -19.67 0.21 1.87
C ARG A 126 -18.72 1.39 2.03
N ILE A 127 -18.05 1.75 0.94
CA ILE A 127 -17.13 2.86 1.00
C ILE A 127 -17.91 4.16 1.15
N GLN A 128 -19.09 4.23 0.53
CA GLN A 128 -19.92 5.42 0.63
C GLN A 128 -20.42 5.53 2.06
N GLU A 129 -20.87 4.41 2.61
CA GLU A 129 -21.35 4.38 3.97
C GLU A 129 -20.26 4.87 4.91
N GLU A 130 -19.05 4.36 4.70
CA GLU A 130 -17.92 4.75 5.54
C GLU A 130 -17.61 6.23 5.38
N ALA A 131 -17.66 6.72 4.15
CA ALA A 131 -17.39 8.13 3.90
C ALA A 131 -18.38 9.00 4.68
N ARG A 132 -19.64 8.54 4.70
CA ARG A 132 -20.71 9.24 5.40
C ARG A 132 -20.42 9.30 6.89
N CYS A 133 -20.02 8.18 7.46
CA CYS A 133 -19.70 8.14 8.88
C CYS A 133 -18.46 8.97 9.18
N LEU A 134 -17.55 9.07 8.22
CA LEU A 134 -16.33 9.86 8.43
C LEU A 134 -16.72 11.33 8.52
N VAL A 135 -17.61 11.77 7.62
CA VAL A 135 -18.06 13.15 7.63
C VAL A 135 -18.62 13.50 9.00
N GLU A 136 -19.57 12.71 9.46
CA GLU A 136 -20.18 12.94 10.76
C GLU A 136 -19.16 13.00 11.88
N GLU A 137 -18.20 12.07 11.88
CA GLU A 137 -17.18 12.05 12.91
C GLU A 137 -16.33 13.33 12.88
N LEU A 138 -15.95 13.76 11.69
CA LEU A 138 -15.13 14.95 11.57
C LEU A 138 -15.86 16.20 12.07
N ARG A 139 -17.17 16.26 11.83
CA ARG A 139 -17.96 17.39 12.29
C ARG A 139 -17.80 17.58 13.80
N LYS A 140 -17.80 16.48 14.52
CA LYS A 140 -17.65 16.53 15.98
C LYS A 140 -16.39 17.26 16.43
N SER A 141 -15.42 17.40 15.53
CA SER A 141 -14.17 18.10 15.87
C SER A 141 -14.34 19.61 15.77
N LYS A 142 -15.48 20.04 15.23
CA LYS A 142 -15.77 21.45 15.07
C LYS A 142 -14.59 22.26 14.52
N GLY A 143 -13.81 21.63 13.65
CA GLY A 143 -12.68 22.31 13.03
C GLY A 143 -11.39 22.41 13.82
N ALA A 144 -11.27 21.66 14.91
CA ALA A 144 -10.04 21.71 15.68
C ALA A 144 -8.89 21.09 14.87
N LEU A 145 -7.65 21.47 15.18
CA LEU A 145 -6.49 20.90 14.53
C LEU A 145 -6.38 19.46 15.01
N LEU A 146 -6.12 18.54 14.09
CA LEU A 146 -5.98 17.13 14.47
C LEU A 146 -5.02 16.42 13.51
N ASP A 147 -4.58 15.23 13.92
CA ASP A 147 -3.69 14.41 13.11
C ASP A 147 -4.64 13.40 12.47
N ASN A 148 -4.75 13.43 11.15
CA ASN A 148 -5.69 12.53 10.46
C ASN A 148 -5.25 11.07 10.32
N THR A 149 -4.09 10.71 10.87
CA THR A 149 -3.57 9.34 10.77
C THR A 149 -4.52 8.24 11.24
N LEU A 150 -5.04 8.37 12.45
CA LEU A 150 -5.95 7.36 12.98
C LEU A 150 -7.23 7.22 12.17
N LEU A 151 -7.82 8.33 11.77
CA LEU A 151 -9.06 8.26 11.00
C LEU A 151 -8.85 7.75 9.58
N PHE A 152 -7.72 8.07 8.97
CA PHE A 152 -7.50 7.58 7.62
C PHE A 152 -7.20 6.08 7.64
N HIS A 153 -6.59 5.61 8.73
CA HIS A 153 -6.35 4.18 8.84
C HIS A 153 -7.70 3.50 9.11
N SER A 154 -8.56 4.21 9.85
CA SER A 154 -9.87 3.69 10.21
C SER A 154 -10.82 3.50 9.05
N ILE A 155 -10.88 4.46 8.14
CA ILE A 155 -11.81 4.35 7.04
C ILE A 155 -11.47 3.23 6.04
N THR A 156 -10.19 2.97 5.81
CA THR A 156 -9.83 1.90 4.88
C THR A 156 -10.00 0.55 5.58
N SER A 157 -9.60 0.49 6.85
CA SER A 157 -9.73 -0.74 7.65
C SER A 157 -11.17 -1.20 7.84
N ASN A 158 -12.06 -0.25 8.03
CA ASN A 158 -13.46 -0.57 8.27
C ASN A 158 -14.10 -1.29 7.09
N ILE A 159 -13.60 -1.06 5.88
CA ILE A 159 -14.18 -1.74 4.74
C ILE A 159 -13.97 -3.24 4.88
N ILE A 160 -12.77 -3.64 5.32
CA ILE A 160 -12.47 -5.06 5.51
C ILE A 160 -13.36 -5.60 6.63
N CYS A 161 -13.45 -4.84 7.72
CA CYS A 161 -14.26 -5.26 8.86
C CYS A 161 -15.71 -5.46 8.45
N SER A 162 -16.24 -4.51 7.68
CA SER A 162 -17.61 -4.59 7.22
C SER A 162 -17.81 -5.86 6.41
N ILE A 163 -16.89 -6.12 5.48
CA ILE A 163 -16.94 -7.30 4.64
C ILE A 163 -16.85 -8.58 5.46
N VAL A 164 -15.98 -8.59 6.46
CA VAL A 164 -15.82 -9.78 7.28
C VAL A 164 -16.95 -10.01 8.28
N PHE A 165 -17.23 -9.00 9.11
CA PHE A 165 -18.26 -9.13 10.12
C PHE A 165 -19.68 -8.76 9.71
N GLY A 166 -19.83 -8.12 8.56
CA GLY A 166 -21.16 -7.75 8.11
C GLY A 166 -21.53 -6.30 8.36
N LYS A 167 -20.79 -5.64 9.25
CA LYS A 167 -21.05 -4.23 9.55
C LYS A 167 -19.75 -3.55 9.99
N ARG A 168 -19.66 -2.25 9.78
CA ARG A 168 -18.48 -1.50 10.18
C ARG A 168 -18.46 -1.30 11.70
N PHE A 169 -17.33 -0.81 12.21
CA PHE A 169 -17.17 -0.53 13.64
C PHE A 169 -17.31 0.98 13.78
N ASP A 170 -17.67 1.44 14.97
CA ASP A 170 -17.76 2.87 15.24
C ASP A 170 -16.31 3.21 15.47
N TYR A 171 -15.89 4.41 15.07
CA TYR A 171 -14.49 4.78 15.22
C TYR A 171 -13.93 4.62 16.62
N LYS A 172 -14.77 4.76 17.64
CA LYS A 172 -14.28 4.66 19.02
C LYS A 172 -14.55 3.33 19.71
N ASP A 173 -15.10 2.37 18.98
CA ASP A 173 -15.34 1.06 19.55
C ASP A 173 -13.96 0.53 20.00
N PRO A 174 -13.83 0.12 21.27
CA PRO A 174 -12.56 -0.39 21.80
C PRO A 174 -11.93 -1.51 20.98
N VAL A 175 -12.73 -2.48 20.55
CA VAL A 175 -12.22 -3.59 19.74
C VAL A 175 -11.55 -3.04 18.48
N PHE A 176 -12.26 -2.14 17.80
CA PHE A 176 -11.73 -1.53 16.58
C PHE A 176 -10.41 -0.79 16.84
N LEU A 177 -10.38 0.00 17.91
CA LEU A 177 -9.18 0.75 18.25
C LEU A 177 -8.03 -0.20 18.57
N ARG A 178 -8.32 -1.31 19.25
CA ARG A 178 -7.27 -2.27 19.56
C ARG A 178 -6.77 -2.94 18.28
N LEU A 179 -7.67 -3.10 17.32
CA LEU A 179 -7.36 -3.71 16.04
C LEU A 179 -6.41 -2.79 15.26
N LEU A 180 -6.75 -1.51 15.18
CA LEU A 180 -5.93 -0.54 14.47
C LEU A 180 -4.55 -0.50 15.10
N ASP A 181 -4.52 -0.64 16.42
CA ASP A 181 -3.27 -0.63 17.17
C ASP A 181 -2.43 -1.86 16.87
N LEU A 182 -3.08 -3.01 16.83
CA LEU A 182 -2.38 -4.27 16.55
C LEU A 182 -1.64 -4.22 15.22
N PHE A 183 -2.33 -3.77 14.18
CA PHE A 183 -1.73 -3.71 12.86
C PHE A 183 -0.84 -2.52 12.54
N PHE A 184 -1.19 -1.33 13.03
CA PHE A 184 -0.44 -0.13 12.68
C PHE A 184 0.38 0.64 13.72
N GLN A 185 0.22 0.31 15.00
CA GLN A 185 0.99 1.01 16.03
C GLN A 185 2.43 0.53 16.01
N SER A 186 3.37 1.47 16.18
CA SER A 186 4.78 1.09 16.20
C SER A 186 5.16 0.68 17.61
N PHE A 187 6.01 -0.33 17.72
CA PHE A 187 6.47 -0.83 19.01
C PHE A 187 7.97 -0.97 18.94
N SER A 188 8.62 -0.91 20.10
CA SER A 188 10.08 -1.00 20.15
C SER A 188 10.56 -2.38 20.58
N LEU A 189 11.50 -2.92 19.82
CA LEU A 189 12.09 -4.21 20.11
C LEU A 189 13.53 -3.98 20.54
N ILE A 190 13.88 -4.44 21.73
CA ILE A 190 15.24 -4.27 22.23
C ILE A 190 16.01 -5.58 22.13
N SER A 191 17.21 -5.53 21.57
CA SER A 191 18.03 -6.71 21.44
C SER A 191 19.42 -6.37 20.94
N SER A 192 20.35 -7.29 21.13
CA SER A 192 21.72 -7.10 20.69
C SER A 192 21.94 -8.07 19.54
N PHE A 193 23.06 -7.93 18.85
CA PHE A 193 23.35 -8.84 17.76
C PHE A 193 23.41 -10.26 18.33
N SER A 194 24.10 -10.40 19.45
CA SER A 194 24.25 -11.69 20.10
C SER A 194 22.95 -12.33 20.57
N SER A 195 22.03 -11.53 21.10
CA SER A 195 20.78 -12.10 21.58
C SER A 195 19.93 -12.56 20.42
N GLN A 196 20.01 -11.87 19.28
CA GLN A 196 19.24 -12.26 18.09
C GLN A 196 19.82 -13.58 17.55
N VAL A 197 21.14 -13.71 17.57
CA VAL A 197 21.75 -14.95 17.10
C VAL A 197 21.29 -16.08 18.01
N PHE A 198 21.29 -15.83 19.32
CA PHE A 198 20.88 -16.83 20.31
C PHE A 198 19.45 -17.33 20.10
N GLU A 199 18.57 -16.43 19.70
CA GLU A 199 17.19 -16.80 19.45
C GLU A 199 17.10 -17.78 18.30
N LEU A 200 17.79 -17.46 17.21
CA LEU A 200 17.80 -18.31 16.03
C LEU A 200 18.38 -19.67 16.37
N PHE A 201 19.45 -19.64 17.15
CA PHE A 201 20.12 -20.86 17.56
C PHE A 201 19.17 -21.71 18.38
N SER A 202 18.25 -21.06 19.09
CA SER A 202 17.30 -21.79 19.92
C SER A 202 16.09 -22.26 19.12
N GLY A 203 16.11 -21.99 17.81
CA GLY A 203 15.02 -22.41 16.95
C GLY A 203 13.86 -21.45 16.79
N PHE A 204 14.00 -20.23 17.31
CA PHE A 204 12.92 -19.26 17.22
C PHE A 204 13.20 -18.05 16.36
N LEU A 205 12.20 -17.67 15.58
CA LEU A 205 12.31 -16.51 14.75
C LEU A 205 11.14 -15.61 15.07
N LYS A 206 11.43 -14.52 15.78
CA LYS A 206 10.39 -13.55 16.10
C LYS A 206 10.74 -12.36 15.24
N TYR A 207 9.92 -12.11 14.24
CA TYR A 207 10.19 -11.02 13.32
C TYR A 207 9.32 -9.79 13.57
N PHE A 208 8.05 -10.02 13.89
CA PHE A 208 7.14 -8.92 14.13
C PHE A 208 7.22 -8.35 15.53
N PRO A 209 7.02 -7.02 15.66
CA PRO A 209 7.07 -6.26 16.90
C PRO A 209 5.97 -6.59 17.90
N GLY A 210 6.28 -6.40 19.18
CA GLY A 210 5.29 -6.66 20.21
C GLY A 210 5.65 -7.66 21.28
N THR A 211 6.00 -7.16 22.45
CA THR A 211 6.33 -8.03 23.58
C THR A 211 5.00 -8.53 24.10
N HIS A 212 5.05 -9.52 25.00
CA HIS A 212 3.83 -10.08 25.58
C HIS A 212 2.90 -8.96 26.04
N ARG A 213 3.41 -8.11 26.94
CA ARG A 213 2.64 -6.98 27.47
C ARG A 213 1.97 -6.17 26.37
N GLN A 214 2.80 -5.60 25.50
CA GLN A 214 2.33 -4.77 24.39
C GLN A 214 1.14 -5.33 23.60
N ILE A 215 1.35 -6.50 23.02
CA ILE A 215 0.35 -7.14 22.17
C ILE A 215 -0.70 -8.02 22.83
N TYR A 216 -0.32 -8.78 23.86
CA TYR A 216 -1.26 -9.69 24.53
C TYR A 216 -2.57 -8.99 24.83
N ARG A 217 -2.48 -7.73 25.24
CA ARG A 217 -3.67 -6.95 25.55
C ARG A 217 -4.60 -6.94 24.35
N ASN A 218 -4.29 -6.08 23.37
CA ASN A 218 -5.09 -5.95 22.16
C ASN A 218 -5.58 -7.29 21.63
N LEU A 219 -4.63 -8.17 21.35
CA LEU A 219 -4.93 -9.48 20.80
C LEU A 219 -5.94 -10.29 21.59
N GLN A 220 -5.85 -10.24 22.91
CA GLN A 220 -6.77 -10.98 23.76
C GLN A 220 -8.21 -10.53 23.55
N GLU A 221 -8.43 -9.21 23.60
CA GLU A 221 -9.77 -8.68 23.42
C GLU A 221 -10.27 -8.90 21.99
N ILE A 222 -9.34 -8.84 21.02
CA ILE A 222 -9.68 -9.03 19.62
C ILE A 222 -10.15 -10.46 19.33
N ASN A 223 -9.45 -11.44 19.89
CA ASN A 223 -9.81 -12.84 19.68
C ASN A 223 -11.18 -13.14 20.29
N THR A 224 -11.42 -12.62 21.48
CA THR A 224 -12.71 -12.84 22.13
C THR A 224 -13.82 -12.31 21.23
N PHE A 225 -13.60 -11.13 20.66
CA PHE A 225 -14.61 -10.55 19.79
C PHE A 225 -14.86 -11.44 18.57
N ILE A 226 -13.79 -11.91 17.95
CA ILE A 226 -13.92 -12.77 16.78
C ILE A 226 -14.64 -14.05 17.16
N GLY A 227 -14.21 -14.64 18.28
CA GLY A 227 -14.83 -15.87 18.75
C GLY A 227 -16.33 -15.76 18.85
N GLN A 228 -16.81 -14.82 19.66
CA GLN A 228 -18.25 -14.64 19.83
C GLN A 228 -18.95 -14.26 18.53
N SER A 229 -18.28 -13.48 17.68
CA SER A 229 -18.90 -13.08 16.42
C SER A 229 -19.10 -14.31 15.55
N VAL A 230 -18.13 -15.23 15.59
CA VAL A 230 -18.26 -16.44 14.80
C VAL A 230 -19.38 -17.29 15.41
N GLU A 231 -19.58 -17.13 16.72
CA GLU A 231 -20.61 -17.87 17.42
C GLU A 231 -21.99 -17.37 16.99
N LYS A 232 -22.21 -16.06 17.07
CA LYS A 232 -23.48 -15.47 16.67
C LYS A 232 -23.83 -15.82 15.23
N HIS A 233 -22.84 -15.71 14.34
CA HIS A 233 -23.07 -16.01 12.92
C HIS A 233 -23.53 -17.45 12.74
N ARG A 234 -22.92 -18.35 13.50
CA ARG A 234 -23.26 -19.76 13.41
C ARG A 234 -24.68 -20.03 13.90
N ALA A 235 -25.04 -19.42 15.02
CA ALA A 235 -26.35 -19.61 15.61
C ALA A 235 -27.49 -19.03 14.75
N THR A 236 -27.14 -18.18 13.79
CA THR A 236 -28.16 -17.56 12.94
C THR A 236 -27.82 -17.71 11.46
N LEU A 237 -27.00 -18.69 11.15
CA LEU A 237 -26.57 -18.92 9.78
C LEU A 237 -27.67 -19.42 8.84
N ASP A 238 -27.74 -18.79 7.67
CA ASP A 238 -28.71 -19.16 6.66
C ASP A 238 -27.96 -19.55 5.40
N PRO A 239 -27.72 -20.86 5.21
CA PRO A 239 -26.99 -21.38 4.04
C PRO A 239 -27.44 -20.80 2.71
N SER A 240 -28.70 -20.37 2.64
CA SER A 240 -29.24 -19.79 1.41
C SER A 240 -28.80 -18.35 1.24
N ASN A 241 -28.55 -17.66 2.36
CA ASN A 241 -28.14 -16.26 2.32
C ASN A 241 -26.96 -15.92 3.21
N PRO A 242 -25.73 -16.18 2.73
CA PRO A 242 -24.55 -15.86 3.54
C PRO A 242 -24.47 -14.34 3.64
N ARG A 243 -24.39 -13.84 4.86
CA ARG A 243 -24.36 -12.40 5.10
C ARG A 243 -23.00 -11.75 4.83
N ASP A 244 -21.94 -12.43 5.24
CA ASP A 244 -20.60 -11.89 5.10
C ASP A 244 -19.56 -13.00 4.92
N PHE A 245 -18.29 -12.65 5.13
CA PHE A 245 -17.22 -13.62 4.97
C PHE A 245 -17.21 -14.65 6.08
N ILE A 246 -17.69 -14.29 7.27
CA ILE A 246 -17.71 -15.27 8.36
C ILE A 246 -18.68 -16.38 7.97
N ASP A 247 -19.79 -16.03 7.33
CA ASP A 247 -20.76 -17.02 6.89
C ASP A 247 -20.10 -17.91 5.83
N VAL A 248 -19.47 -17.27 4.85
CA VAL A 248 -18.81 -17.98 3.78
C VAL A 248 -17.88 -19.04 4.35
N TYR A 249 -17.17 -18.68 5.41
CA TYR A 249 -16.25 -19.62 6.05
C TYR A 249 -17.01 -20.76 6.70
N LEU A 250 -18.04 -20.43 7.47
CA LEU A 250 -18.84 -21.44 8.15
C LEU A 250 -19.41 -22.46 7.16
N LEU A 251 -19.89 -21.96 6.03
CA LEU A 251 -20.48 -22.80 4.99
C LEU A 251 -19.39 -23.62 4.28
N ARG A 252 -18.29 -22.97 3.97
CA ARG A 252 -17.17 -23.62 3.29
C ARG A 252 -16.38 -24.45 4.32
N MET A 253 -17.02 -24.75 5.44
CA MET A 253 -16.40 -25.55 6.50
C MET A 253 -17.24 -26.81 6.69
N GLU A 254 -18.43 -26.80 6.11
CA GLU A 254 -19.34 -27.95 6.19
C GLU A 254 -18.66 -29.12 5.49
N LYS A 255 -18.24 -30.10 6.27
CA LYS A 255 -17.54 -31.29 5.77
C LYS A 255 -16.05 -31.02 5.64
N ASP A 256 -15.53 -30.19 6.54
CA ASP A 256 -14.11 -29.86 6.56
C ASP A 256 -13.43 -30.81 7.54
N LYS A 257 -14.02 -31.99 7.68
CA LYS A 257 -13.51 -33.02 8.59
C LYS A 257 -12.00 -33.17 8.44
N SER A 258 -11.27 -32.67 9.43
CA SER A 258 -9.83 -32.74 9.44
C SER A 258 -9.31 -32.74 10.88
N ASP A 259 -8.14 -33.35 11.10
CA ASP A 259 -7.56 -33.42 12.44
C ASP A 259 -7.28 -32.02 12.97
N PRO A 260 -7.17 -31.86 14.30
CA PRO A 260 -6.90 -30.55 14.90
C PRO A 260 -5.71 -29.81 14.29
N SER A 261 -4.65 -30.55 13.98
CA SER A 261 -3.46 -29.97 13.37
C SER A 261 -3.78 -29.29 12.03
N SER A 262 -4.51 -30.01 11.18
CA SER A 262 -4.89 -29.50 9.86
C SER A 262 -5.97 -28.41 9.97
N GLU A 263 -6.85 -28.55 10.95
CA GLU A 263 -7.90 -27.57 11.16
C GLU A 263 -7.24 -26.26 11.61
N PHE A 264 -6.28 -26.40 12.51
CA PHE A 264 -5.55 -25.24 12.99
C PHE A 264 -4.97 -24.50 11.79
N HIS A 265 -4.27 -25.24 10.93
CA HIS A 265 -3.64 -24.66 9.76
C HIS A 265 -4.60 -23.87 8.87
N HIS A 266 -5.76 -24.43 8.55
CA HIS A 266 -6.73 -23.74 7.70
C HIS A 266 -7.20 -22.45 8.36
N GLN A 267 -7.54 -22.55 9.64
CA GLN A 267 -8.01 -21.40 10.39
C GLN A 267 -6.96 -20.31 10.52
N ASN A 268 -5.76 -20.68 10.93
CA ASN A 268 -4.71 -19.69 11.10
C ASN A 268 -4.29 -19.06 9.78
N LEU A 269 -4.31 -19.84 8.71
CA LEU A 269 -3.95 -19.31 7.40
C LEU A 269 -4.95 -18.23 6.99
N ILE A 270 -6.22 -18.43 7.35
CA ILE A 270 -7.23 -17.42 7.01
C ILE A 270 -6.95 -16.13 7.77
N LEU A 271 -6.62 -16.26 9.05
CA LEU A 271 -6.30 -15.10 9.87
C LEU A 271 -5.08 -14.38 9.30
N THR A 272 -4.07 -15.16 8.93
CA THR A 272 -2.85 -14.60 8.35
C THR A 272 -3.20 -13.80 7.10
N VAL A 273 -4.06 -14.37 6.26
CA VAL A 273 -4.48 -13.70 5.04
C VAL A 273 -5.25 -12.42 5.37
N LEU A 274 -6.13 -12.47 6.36
CA LEU A 274 -6.88 -11.28 6.74
C LEU A 274 -5.91 -10.21 7.25
N SER A 275 -4.86 -10.63 7.95
CA SER A 275 -3.85 -9.70 8.43
C SER A 275 -3.23 -8.95 7.26
N LEU A 276 -2.86 -9.68 6.20
CA LEU A 276 -2.24 -9.05 5.04
C LEU A 276 -3.23 -8.04 4.44
N PHE A 277 -4.50 -8.40 4.38
CA PHE A 277 -5.50 -7.47 3.86
C PHE A 277 -5.47 -6.18 4.71
N PHE A 278 -5.45 -6.31 6.03
CA PHE A 278 -5.42 -5.12 6.89
C PHE A 278 -4.18 -4.28 6.65
N ALA A 279 -3.03 -4.93 6.55
CA ALA A 279 -1.79 -4.20 6.32
C ALA A 279 -1.87 -3.43 5.00
N GLY A 280 -2.43 -4.08 3.98
CA GLY A 280 -2.57 -3.46 2.69
C GLY A 280 -3.39 -2.17 2.67
N THR A 281 -4.29 -1.99 3.62
CA THR A 281 -5.07 -0.75 3.62
C THR A 281 -4.16 0.45 3.92
N GLU A 282 -2.96 0.21 4.43
CA GLU A 282 -2.08 1.32 4.75
C GLU A 282 -1.60 2.13 3.56
N THR A 283 -1.50 1.51 2.39
CA THR A 283 -1.04 2.25 1.21
C THR A 283 -2.08 3.29 0.83
N THR A 284 -3.35 2.91 0.89
CA THR A 284 -4.42 3.83 0.55
C THR A 284 -4.48 4.96 1.58
N SER A 285 -4.37 4.60 2.85
CA SER A 285 -4.39 5.57 3.94
C SER A 285 -3.31 6.61 3.73
N THR A 286 -2.09 6.13 3.53
CA THR A 286 -0.95 6.99 3.33
C THR A 286 -1.14 7.91 2.12
N THR A 287 -1.73 7.39 1.05
CA THR A 287 -1.98 8.19 -0.14
C THR A 287 -2.97 9.32 0.19
N LEU A 288 -3.99 8.99 0.98
CA LEU A 288 -4.96 10.00 1.38
C LEU A 288 -4.27 11.05 2.24
N ARG A 289 -3.45 10.63 3.18
CA ARG A 289 -2.73 11.56 4.04
C ARG A 289 -1.83 12.46 3.22
N TYR A 290 -1.16 11.88 2.21
CA TYR A 290 -0.29 12.68 1.37
C TYR A 290 -1.15 13.64 0.54
N GLY A 291 -2.27 13.13 0.06
CA GLY A 291 -3.17 13.95 -0.75
C GLY A 291 -3.64 15.21 -0.04
N PHE A 292 -4.01 15.08 1.23
CA PHE A 292 -4.49 16.24 1.96
C PHE A 292 -3.39 17.19 2.33
N LEU A 293 -2.18 16.66 2.50
CA LEU A 293 -1.05 17.53 2.80
C LEU A 293 -0.81 18.38 1.56
N LEU A 294 -0.94 17.76 0.38
CA LEU A 294 -0.74 18.45 -0.89
C LEU A 294 -1.82 19.49 -1.13
N MET A 295 -3.06 19.16 -0.74
CA MET A 295 -4.16 20.08 -0.90
C MET A 295 -3.95 21.33 -0.02
N LEU A 296 -3.29 21.15 1.12
CA LEU A 296 -3.01 22.27 2.02
C LEU A 296 -2.07 23.26 1.34
N LYS A 297 -1.18 22.73 0.51
CA LYS A 297 -0.20 23.54 -0.20
C LYS A 297 -0.78 24.27 -1.41
N TYR A 298 -1.92 23.79 -1.91
CA TYR A 298 -2.54 24.44 -3.07
C TYR A 298 -4.02 24.65 -2.84
N PRO A 299 -4.37 25.66 -2.02
CA PRO A 299 -5.76 26.00 -1.70
C PRO A 299 -6.64 26.27 -2.91
N HIS A 300 -6.07 26.85 -3.95
CA HIS A 300 -6.85 27.16 -5.15
C HIS A 300 -7.22 25.90 -5.93
N VAL A 301 -6.31 24.94 -5.96
CA VAL A 301 -6.58 23.68 -6.64
C VAL A 301 -7.72 23.00 -5.88
N THR A 302 -7.59 22.98 -4.56
CA THR A 302 -8.60 22.38 -3.70
C THR A 302 -9.98 22.99 -4.03
N GLU A 303 -10.00 24.31 -4.22
CA GLU A 303 -11.23 25.02 -4.54
C GLU A 303 -11.80 24.59 -5.89
N ARG A 304 -10.91 24.42 -6.86
CA ARG A 304 -11.34 23.99 -8.19
C ARG A 304 -12.00 22.62 -8.06
N VAL A 305 -11.38 21.74 -7.29
CA VAL A 305 -11.94 20.41 -7.10
C VAL A 305 -13.33 20.54 -6.50
N GLN A 306 -13.45 21.36 -5.45
CA GLN A 306 -14.74 21.57 -4.81
C GLN A 306 -15.75 22.11 -5.82
N LYS A 307 -15.28 22.98 -6.71
CA LYS A 307 -16.14 23.56 -7.73
C LYS A 307 -16.64 22.46 -8.67
N GLU A 308 -15.75 21.54 -9.07
CA GLU A 308 -16.13 20.46 -9.97
C GLU A 308 -17.13 19.55 -9.27
N ILE A 309 -16.90 19.32 -7.97
CA ILE A 309 -17.81 18.48 -7.19
C ILE A 309 -19.19 19.13 -7.21
N GLU A 310 -19.23 20.45 -7.08
CA GLU A 310 -20.48 21.18 -7.08
C GLU A 310 -21.19 21.06 -8.44
N GLN A 311 -20.43 21.27 -9.51
CA GLN A 311 -20.97 21.18 -10.86
C GLN A 311 -21.56 19.82 -11.20
N VAL A 312 -20.80 18.77 -10.89
CA VAL A 312 -21.21 17.42 -11.23
C VAL A 312 -22.06 16.67 -10.19
N ILE A 313 -21.62 16.70 -8.95
CA ILE A 313 -22.33 15.97 -7.89
C ILE A 313 -23.35 16.82 -7.13
N GLY A 314 -23.04 18.10 -6.95
CA GLY A 314 -23.96 18.96 -6.20
C GLY A 314 -23.68 18.86 -4.72
N SER A 315 -24.71 19.10 -3.91
CA SER A 315 -24.54 19.05 -2.46
C SER A 315 -25.66 18.34 -1.73
N HIS A 316 -26.54 17.69 -2.49
CA HIS A 316 -27.67 16.99 -1.88
C HIS A 316 -27.59 15.47 -2.06
N ARG A 317 -26.45 14.98 -2.53
CA ARG A 317 -26.23 13.55 -2.68
C ARG A 317 -24.75 13.24 -2.54
N PRO A 318 -24.41 12.04 -2.04
CA PRO A 318 -23.01 11.69 -1.87
C PRO A 318 -22.35 11.31 -3.21
N PRO A 319 -21.04 11.52 -3.32
CA PRO A 319 -20.33 11.18 -4.56
C PRO A 319 -20.47 9.68 -4.84
N ALA A 320 -20.48 9.32 -6.11
CA ALA A 320 -20.59 7.92 -6.51
C ALA A 320 -19.44 7.65 -7.49
N LEU A 321 -18.99 6.40 -7.55
CA LEU A 321 -17.87 6.05 -8.43
C LEU A 321 -18.03 6.53 -9.88
N ASP A 322 -19.23 6.41 -10.45
CA ASP A 322 -19.42 6.86 -11.82
C ASP A 322 -19.37 8.39 -12.02
N ASP A 323 -19.26 9.15 -10.94
CA ASP A 323 -19.16 10.60 -11.08
C ASP A 323 -17.75 10.97 -11.54
N ARG A 324 -16.79 10.08 -11.29
CA ARG A 324 -15.40 10.33 -11.68
C ARG A 324 -15.22 10.54 -13.18
N ALA A 325 -16.00 9.81 -13.99
CA ALA A 325 -15.90 9.93 -15.44
C ALA A 325 -16.17 11.35 -15.89
N LYS A 326 -17.00 12.07 -15.13
CA LYS A 326 -17.37 13.44 -15.48
C LYS A 326 -16.58 14.47 -14.68
N MET A 327 -15.51 14.04 -14.03
CA MET A 327 -14.71 14.94 -13.22
C MET A 327 -13.23 14.81 -13.56
N PRO A 328 -12.87 15.13 -14.81
CA PRO A 328 -11.47 15.04 -15.24
C PRO A 328 -10.48 15.80 -14.37
N TYR A 329 -10.86 17.00 -13.92
CA TYR A 329 -9.93 17.78 -13.10
C TYR A 329 -9.59 17.12 -11.78
N THR A 330 -10.60 16.61 -11.09
CA THR A 330 -10.39 15.91 -9.81
C THR A 330 -9.58 14.65 -10.07
N ASP A 331 -9.88 13.98 -11.18
CA ASP A 331 -9.18 12.75 -11.57
C ASP A 331 -7.71 13.08 -11.76
N ALA A 332 -7.45 14.16 -12.46
CA ALA A 332 -6.08 14.60 -12.71
C ALA A 332 -5.37 14.88 -11.39
N VAL A 333 -6.08 15.51 -10.45
CA VAL A 333 -5.52 15.84 -9.15
C VAL A 333 -5.12 14.57 -8.38
N ILE A 334 -6.02 13.58 -8.39
CA ILE A 334 -5.73 12.33 -7.70
C ILE A 334 -4.52 11.64 -8.33
N HIS A 335 -4.41 11.71 -9.65
CA HIS A 335 -3.26 11.12 -10.35
C HIS A 335 -1.99 11.78 -9.83
N GLU A 336 -1.99 13.12 -9.78
CA GLU A 336 -0.83 13.84 -9.27
C GLU A 336 -0.50 13.44 -7.84
N ILE A 337 -1.53 13.25 -7.02
CA ILE A 337 -1.35 12.85 -5.62
C ILE A 337 -0.61 11.52 -5.53
N GLN A 338 -1.00 10.56 -6.37
CA GLN A 338 -0.33 9.25 -6.37
C GLN A 338 1.06 9.38 -6.92
N ARG A 339 1.19 10.16 -8.00
CA ARG A 339 2.48 10.36 -8.66
C ARG A 339 3.49 10.95 -7.68
N LEU A 340 3.12 12.07 -7.07
CA LEU A 340 4.01 12.72 -6.12
C LEU A 340 4.05 11.96 -4.79
N GLY A 341 2.94 11.28 -4.47
CA GLY A 341 2.88 10.51 -3.25
C GLY A 341 4.01 9.49 -3.29
N ASP A 342 4.23 8.92 -4.48
CA ASP A 342 5.33 7.99 -4.71
C ASP A 342 5.55 7.02 -3.55
N LEU A 343 4.51 6.26 -3.19
CA LEU A 343 4.59 5.34 -2.04
C LEU A 343 5.68 4.29 -2.03
N ILE A 344 5.97 3.72 -3.19
CA ILE A 344 6.98 2.69 -3.26
C ILE A 344 8.01 3.14 -4.29
N PRO A 345 8.85 4.10 -3.90
CA PRO A 345 9.88 4.66 -4.76
C PRO A 345 10.80 3.68 -5.49
N PHE A 346 11.21 2.64 -4.79
CA PHE A 346 12.12 1.68 -5.39
C PHE A 346 11.45 0.54 -6.15
N GLY A 347 10.13 0.49 -6.07
CA GLY A 347 9.37 -0.56 -6.73
C GLY A 347 9.46 -1.85 -5.95
N VAL A 348 8.69 -2.84 -6.35
CA VAL A 348 8.73 -4.13 -5.69
C VAL A 348 9.59 -4.99 -6.62
N PRO A 349 10.57 -5.71 -6.05
CA PRO A 349 11.45 -6.55 -6.87
C PRO A 349 10.79 -7.70 -7.65
N HIS A 350 11.34 -8.00 -8.83
CA HIS A 350 10.88 -9.11 -9.66
C HIS A 350 12.11 -9.96 -9.92
N THR A 351 11.93 -11.01 -10.72
CA THR A 351 13.03 -11.86 -11.16
C THR A 351 12.73 -12.23 -12.61
N VAL A 352 13.77 -12.40 -13.43
CA VAL A 352 13.50 -12.77 -14.81
C VAL A 352 13.29 -14.27 -14.83
N THR A 353 12.35 -14.71 -15.65
CA THR A 353 12.00 -16.12 -15.76
C THR A 353 12.88 -16.93 -16.71
N LYS A 354 13.93 -16.29 -17.24
CA LYS A 354 14.84 -16.96 -18.17
C LYS A 354 15.98 -15.98 -18.45
N ASP A 355 17.06 -16.49 -19.06
CA ASP A 355 18.19 -15.62 -19.41
C ASP A 355 17.54 -14.61 -20.35
N THR A 356 17.61 -13.35 -19.97
CA THR A 356 16.94 -12.31 -20.74
C THR A 356 17.84 -11.29 -21.38
N GLN A 357 17.59 -10.99 -22.65
CA GLN A 357 18.39 -9.99 -23.32
C GLN A 357 17.66 -8.66 -23.14
N PHE A 358 18.36 -7.68 -22.61
CA PHE A 358 17.75 -6.40 -22.35
C PHE A 358 18.73 -5.27 -22.65
N ARG A 359 18.38 -4.44 -23.61
CA ARG A 359 19.23 -3.32 -24.01
C ARG A 359 20.68 -3.71 -24.18
N GLY A 360 20.93 -4.84 -24.82
CA GLY A 360 22.28 -5.26 -25.06
C GLY A 360 22.92 -6.09 -23.96
N TYR A 361 22.22 -6.24 -22.83
CA TYR A 361 22.77 -7.03 -21.75
C TYR A 361 22.04 -8.35 -21.63
N VAL A 362 22.60 -9.26 -20.84
CA VAL A 362 21.98 -10.53 -20.60
C VAL A 362 21.79 -10.63 -19.09
N ILE A 363 20.54 -10.77 -18.67
CA ILE A 363 20.18 -10.89 -17.27
C ILE A 363 19.90 -12.38 -17.04
N PRO A 364 20.79 -13.08 -16.33
CA PRO A 364 20.60 -14.52 -16.07
C PRO A 364 19.27 -14.85 -15.43
N LYS A 365 18.71 -15.99 -15.82
CA LYS A 365 17.45 -16.45 -15.27
C LYS A 365 17.51 -16.35 -13.74
N ASN A 366 16.39 -15.99 -13.12
CA ASN A 366 16.28 -15.86 -11.67
C ASN A 366 16.94 -14.65 -11.01
N THR A 367 17.55 -13.79 -11.80
CA THR A 367 18.18 -12.58 -11.25
C THR A 367 17.12 -11.57 -10.81
N GLU A 368 17.34 -10.92 -9.67
CA GLU A 368 16.40 -9.92 -9.17
C GLU A 368 16.49 -8.60 -9.92
N VAL A 369 15.33 -8.00 -10.16
CA VAL A 369 15.26 -6.74 -10.86
C VAL A 369 14.31 -5.78 -10.16
N PHE A 370 14.78 -4.56 -9.93
CA PHE A 370 13.97 -3.54 -9.30
C PHE A 370 13.55 -2.47 -10.29
N PRO A 371 12.25 -2.36 -10.57
CA PRO A 371 11.86 -1.30 -11.51
C PRO A 371 11.64 -0.09 -10.58
N VAL A 372 12.57 0.86 -10.58
CA VAL A 372 12.45 2.00 -9.69
C VAL A 372 11.34 2.97 -10.09
N LEU A 373 10.12 2.64 -9.68
CA LEU A 373 8.94 3.42 -10.00
C LEU A 373 9.08 4.93 -9.80
N SER A 374 9.81 5.32 -8.77
CA SER A 374 10.01 6.73 -8.50
C SER A 374 10.65 7.44 -9.69
N SER A 375 11.64 6.78 -10.32
CA SER A 375 12.33 7.39 -11.46
C SER A 375 11.42 7.54 -12.68
N ALA A 376 10.26 6.89 -12.63
CA ALA A 376 9.31 7.00 -13.73
C ALA A 376 8.28 8.04 -13.34
N LEU A 377 7.83 7.98 -12.08
CA LEU A 377 6.85 8.94 -11.60
C LEU A 377 7.36 10.37 -11.69
N HIS A 378 8.68 10.54 -11.67
CA HIS A 378 9.29 11.86 -11.78
C HIS A 378 10.13 11.96 -13.05
N ASP A 379 9.73 11.25 -14.11
CA ASP A 379 10.48 11.24 -15.37
C ASP A 379 10.34 12.54 -16.15
N PRO A 380 11.44 13.31 -16.26
CA PRO A 380 11.35 14.57 -17.00
C PRO A 380 10.99 14.35 -18.48
N ARG A 381 11.26 13.16 -18.99
CA ARG A 381 10.93 12.85 -20.38
C ARG A 381 9.44 12.81 -20.63
N TYR A 382 8.65 12.50 -19.59
CA TYR A 382 7.21 12.40 -19.79
C TYR A 382 6.30 13.34 -19.01
N PHE A 383 6.87 14.00 -18.00
CA PHE A 383 6.12 14.98 -17.19
C PHE A 383 6.76 16.36 -17.37
N GLU A 384 6.01 17.36 -17.79
CA GLU A 384 6.59 18.69 -17.98
C GLU A 384 7.23 19.24 -16.70
N THR A 385 6.60 19.04 -15.54
CA THR A 385 7.17 19.50 -14.28
C THR A 385 7.19 18.32 -13.32
N PRO A 386 8.18 17.42 -13.50
CA PRO A 386 8.36 16.21 -12.70
C PRO A 386 8.38 16.36 -11.17
N ASN A 387 8.85 17.49 -10.68
CA ASN A 387 8.90 17.68 -9.23
C ASN A 387 7.98 18.75 -8.70
N THR A 388 6.90 19.02 -9.42
CA THR A 388 5.94 20.04 -9.04
C THR A 388 4.53 19.61 -9.32
N PHE A 389 3.64 19.77 -8.34
CA PHE A 389 2.25 19.41 -8.50
C PHE A 389 1.75 20.07 -9.80
N ASN A 390 1.13 19.28 -10.69
CA ASN A 390 0.66 19.80 -11.97
C ASN A 390 -0.39 18.88 -12.60
N PRO A 391 -1.67 19.23 -12.45
CA PRO A 391 -2.76 18.43 -13.02
C PRO A 391 -2.72 18.37 -14.54
N GLY A 392 -2.02 19.34 -15.15
CA GLY A 392 -1.91 19.40 -16.59
C GLY A 392 -1.26 18.12 -17.14
N HIS A 393 -0.49 17.46 -16.28
CA HIS A 393 0.19 16.22 -16.62
C HIS A 393 -0.80 15.18 -17.13
N PHE A 394 -2.07 15.34 -16.76
CA PHE A 394 -3.09 14.38 -17.17
C PHE A 394 -4.31 15.03 -17.83
N LEU A 395 -4.10 16.18 -18.46
CA LEU A 395 -5.20 16.87 -19.12
C LEU A 395 -4.78 17.37 -20.51
N ASP A 396 -5.70 17.30 -21.48
CA ASP A 396 -5.42 17.78 -22.83
C ASP A 396 -5.81 19.26 -22.89
N ALA A 397 -5.65 19.87 -24.06
CA ALA A 397 -5.97 21.29 -24.23
C ALA A 397 -7.38 21.68 -23.82
N ASN A 398 -8.33 20.75 -23.89
CA ASN A 398 -9.72 21.05 -23.53
C ASN A 398 -10.07 20.63 -22.10
N GLY A 399 -9.06 20.35 -21.29
CA GLY A 399 -9.30 19.95 -19.92
C GLY A 399 -9.86 18.54 -19.75
N ALA A 400 -9.76 17.72 -20.79
CA ALA A 400 -10.24 16.34 -20.69
C ALA A 400 -9.11 15.45 -20.18
N LEU A 401 -9.47 14.41 -19.43
CA LEU A 401 -8.47 13.52 -18.87
C LEU A 401 -7.68 12.83 -19.97
N LYS A 402 -6.37 12.69 -19.75
CA LYS A 402 -5.49 12.06 -20.71
C LYS A 402 -4.45 11.24 -19.92
N ARG A 403 -4.03 10.12 -20.48
CA ARG A 403 -3.04 9.27 -19.80
C ARG A 403 -1.61 9.74 -20.05
N ASN A 404 -0.69 9.34 -19.18
CA ASN A 404 0.70 9.72 -19.30
C ASN A 404 1.56 8.47 -19.06
N GLU A 405 2.47 8.20 -20.00
CA GLU A 405 3.37 7.05 -19.94
C GLU A 405 4.11 6.90 -18.62
N GLY A 406 4.48 8.03 -17.99
CA GLY A 406 5.22 7.96 -16.76
C GLY A 406 4.40 7.56 -15.53
N PHE A 407 3.08 7.53 -15.67
CA PHE A 407 2.25 7.20 -14.53
C PHE A 407 2.07 5.70 -14.31
N MET A 408 2.75 5.17 -13.30
CA MET A 408 2.68 3.75 -12.98
C MET A 408 2.81 3.49 -11.47
N PRO A 409 1.96 4.16 -10.66
CA PRO A 409 2.02 3.97 -9.20
C PRO A 409 1.76 2.55 -8.74
N PHE A 410 0.94 1.82 -9.51
CA PHE A 410 0.61 0.43 -9.17
C PHE A 410 1.49 -0.55 -9.93
N SER A 411 2.53 -0.02 -10.58
CA SER A 411 3.44 -0.82 -11.40
C SER A 411 2.75 -1.22 -12.71
N LEU A 412 3.38 -2.12 -13.45
CA LEU A 412 2.82 -2.53 -14.74
C LEU A 412 3.07 -3.99 -15.07
N GLY A 413 2.45 -4.44 -16.16
CA GLY A 413 2.63 -5.80 -16.61
C GLY A 413 1.88 -6.89 -15.88
N LYS A 414 2.44 -8.09 -15.93
CA LYS A 414 1.78 -9.24 -15.32
C LYS A 414 1.68 -9.23 -13.80
N ARG A 415 2.53 -8.48 -13.12
CA ARG A 415 2.49 -8.44 -11.66
C ARG A 415 1.85 -7.17 -11.11
N ILE A 416 1.12 -6.44 -11.96
CA ILE A 416 0.50 -5.20 -11.55
C ILE A 416 -0.41 -5.40 -10.32
N CYS A 417 -0.32 -4.46 -9.37
CA CYS A 417 -1.09 -4.50 -8.13
C CYS A 417 -2.51 -5.09 -8.25
N LEU A 418 -2.74 -6.17 -7.53
CA LEU A 418 -4.05 -6.82 -7.54
C LEU A 418 -5.10 -5.96 -6.85
N GLY A 419 -4.66 -4.96 -6.10
CA GLY A 419 -5.62 -4.11 -5.40
C GLY A 419 -5.87 -2.73 -5.98
N GLU A 420 -5.28 -2.44 -7.14
CA GLU A 420 -5.46 -1.12 -7.74
C GLU A 420 -6.91 -0.69 -7.89
N GLY A 421 -7.79 -1.65 -8.10
CA GLY A 421 -9.20 -1.31 -8.26
C GLY A 421 -9.81 -0.70 -7.01
N ILE A 422 -9.76 -1.43 -5.90
CA ILE A 422 -10.34 -0.93 -4.66
C ILE A 422 -9.61 0.31 -4.15
N ALA A 423 -8.30 0.37 -4.35
CA ALA A 423 -7.55 1.54 -3.91
C ALA A 423 -8.04 2.80 -4.64
N ARG A 424 -8.15 2.72 -5.97
CA ARG A 424 -8.61 3.87 -6.76
C ARG A 424 -9.99 4.33 -6.32
N THR A 425 -10.86 3.36 -6.06
CA THR A 425 -12.23 3.65 -5.68
C THR A 425 -12.28 4.36 -4.35
N GLU A 426 -11.50 3.86 -3.39
CA GLU A 426 -11.45 4.47 -2.07
C GLU A 426 -10.85 5.87 -2.16
N LEU A 427 -9.80 6.03 -2.96
CA LEU A 427 -9.17 7.34 -3.10
C LEU A 427 -10.19 8.33 -3.60
N PHE A 428 -10.87 7.98 -4.68
CA PHE A 428 -11.87 8.87 -5.26
C PHE A 428 -13.03 9.21 -4.33
N LEU A 429 -13.68 8.19 -3.79
CA LEU A 429 -14.82 8.42 -2.93
C LEU A 429 -14.47 9.16 -1.63
N PHE A 430 -13.38 8.78 -0.98
CA PHE A 430 -13.01 9.45 0.26
C PHE A 430 -12.58 10.89 -0.01
N PHE A 431 -11.77 11.06 -1.04
CA PHE A 431 -11.28 12.37 -1.38
C PHE A 431 -12.40 13.34 -1.75
N THR A 432 -13.34 12.92 -2.60
CA THR A 432 -14.42 13.82 -3.01
C THR A 432 -15.50 14.01 -1.94
N THR A 433 -15.81 12.97 -1.19
CA THR A 433 -16.83 13.07 -0.17
C THR A 433 -16.38 14.00 0.95
N ILE A 434 -15.09 13.95 1.30
CA ILE A 434 -14.56 14.80 2.35
C ILE A 434 -14.57 16.27 1.92
N LEU A 435 -14.03 16.55 0.74
CA LEU A 435 -13.97 17.92 0.22
C LEU A 435 -15.33 18.49 -0.13
N GLN A 436 -16.33 17.63 -0.28
CA GLN A 436 -17.67 18.10 -0.61
C GLN A 436 -18.27 18.71 0.65
N ASN A 437 -17.91 18.15 1.80
CA ASN A 437 -18.43 18.58 3.09
C ASN A 437 -17.49 19.41 3.94
N PHE A 438 -16.24 19.54 3.52
CA PHE A 438 -15.26 20.29 4.27
C PHE A 438 -14.28 21.05 3.42
N SER A 439 -13.68 22.05 4.05
CA SER A 439 -12.62 22.83 3.46
C SER A 439 -11.53 22.51 4.47
N ILE A 440 -10.28 22.75 4.12
CA ILE A 440 -9.22 22.40 5.06
C ILE A 440 -8.30 23.57 5.31
N ALA A 441 -7.59 23.54 6.44
CA ALA A 441 -6.69 24.62 6.77
C ALA A 441 -5.57 24.15 7.68
N SER A 442 -4.51 24.95 7.73
CA SER A 442 -3.35 24.65 8.56
C SER A 442 -2.63 25.93 8.97
N PRO A 443 -2.02 25.94 10.16
CA PRO A 443 -1.30 27.12 10.62
C PRO A 443 -0.21 27.43 9.60
N VAL A 444 0.43 26.37 9.12
CA VAL A 444 1.49 26.48 8.13
C VAL A 444 0.96 27.06 6.82
N PRO A 445 1.50 28.22 6.40
CA PRO A 445 1.03 28.81 5.14
C PRO A 445 1.41 27.95 3.93
N PRO A 446 0.55 27.92 2.90
CA PRO A 446 0.78 27.14 1.68
C PRO A 446 2.23 27.05 1.24
N GLU A 447 2.85 28.21 1.03
CA GLU A 447 4.23 28.28 0.57
C GLU A 447 5.24 27.64 1.51
N ASP A 448 4.81 27.27 2.71
CA ASP A 448 5.73 26.65 3.65
C ASP A 448 5.45 25.17 3.91
N ILE A 449 4.41 24.63 3.27
CA ILE A 449 4.08 23.22 3.44
C ILE A 449 5.25 22.38 2.90
N ASP A 450 5.77 21.50 3.74
CA ASP A 450 6.89 20.65 3.34
C ASP A 450 6.39 19.24 2.99
N LEU A 451 6.60 18.84 1.75
CA LEU A 451 6.15 17.52 1.29
C LEU A 451 7.19 16.41 1.47
N THR A 452 8.24 16.69 2.24
CA THR A 452 9.29 15.71 2.48
C THR A 452 8.80 14.56 3.35
N PRO A 453 8.99 13.32 2.91
CA PRO A 453 8.55 12.15 3.68
C PRO A 453 9.45 11.85 4.88
N ARG A 454 8.96 11.02 5.80
CA ARG A 454 9.73 10.63 6.99
C ARG A 454 11.05 10.05 6.52
N GLU A 455 12.11 10.27 7.31
CA GLU A 455 13.44 9.78 6.94
C GLU A 455 13.58 8.27 7.09
N SER A 456 12.68 7.66 7.87
CA SER A 456 12.74 6.23 8.10
C SER A 456 11.85 5.46 7.13
N GLY A 457 12.05 4.14 7.07
CA GLY A 457 11.26 3.29 6.21
C GLY A 457 11.75 3.14 4.78
N VAL A 458 11.23 2.14 4.08
CA VAL A 458 11.62 1.89 2.70
C VAL A 458 10.69 2.65 1.75
N GLY A 459 9.48 2.93 2.19
CA GLY A 459 8.56 3.66 1.33
C GLY A 459 8.51 5.14 1.67
N ASN A 460 7.65 5.88 1.00
CA ASN A 460 7.50 7.30 1.28
C ASN A 460 6.21 7.52 2.03
N VAL A 461 6.34 8.02 3.25
CA VAL A 461 5.20 8.28 4.11
C VAL A 461 5.29 9.70 4.66
N PRO A 462 4.20 10.48 4.55
CA PRO A 462 4.23 11.86 5.07
C PRO A 462 4.42 11.85 6.57
N PRO A 463 5.26 12.74 7.11
CA PRO A 463 5.43 12.72 8.56
C PRO A 463 4.15 13.31 9.17
N SER A 464 3.94 13.12 10.46
CA SER A 464 2.75 13.63 11.11
C SER A 464 2.58 15.13 10.88
N TYR A 465 1.36 15.56 10.66
CA TYR A 465 1.08 16.98 10.45
C TYR A 465 -0.30 17.33 11.00
N GLN A 466 -0.53 18.63 11.22
CA GLN A 466 -1.81 19.09 11.75
C GLN A 466 -2.66 19.64 10.63
N ILE A 467 -3.96 19.40 10.71
CA ILE A 467 -4.88 19.87 9.70
C ILE A 467 -6.24 19.99 10.36
N ARG A 468 -7.09 20.86 9.81
CA ARG A 468 -8.42 21.02 10.35
C ARG A 468 -9.43 20.93 9.22
N PHE A 469 -10.56 20.31 9.52
CA PHE A 469 -11.63 20.15 8.55
C PHE A 469 -12.78 21.07 8.92
N LEU A 470 -12.98 22.09 8.10
CA LEU A 470 -14.03 23.08 8.33
C LEU A 470 -15.33 22.67 7.66
N ALA A 471 -16.35 22.38 8.46
CA ALA A 471 -17.63 21.98 7.90
C ALA A 471 -18.15 23.08 6.98
N ARG A 472 -18.65 22.68 5.81
CA ARG A 472 -19.16 23.64 4.86
C ARG A 472 -20.67 23.83 5.00
N HIS A 473 -21.13 25.02 4.60
CA HIS A 473 -22.55 25.36 4.68
C HIS A 473 -23.02 26.04 3.39
CHA HEM B . 1.45 -5.26 -5.58
CHB HEM B . 1.07 -0.56 -5.29
CHC HEM B . -2.95 -1.07 -2.90
CHD HEM B . -2.45 -5.76 -3.03
C1A HEM B . 1.80 -3.91 -5.70
C2A HEM B . 2.89 -3.40 -6.38
C3A HEM B . 2.73 -2.04 -6.38
C4A HEM B . 1.54 -1.79 -5.68
CMA HEM B . 3.68 -0.96 -7.02
CAA HEM B . 4.04 -4.21 -7.02
CBA HEM B . 3.82 -4.64 -8.43
CGA HEM B . 5.02 -5.37 -9.00
O1A HEM B . 5.37 -6.46 -8.54
O2A HEM B . 5.66 -4.86 -9.91
C1B HEM B . -0.08 -0.18 -4.64
C2B HEM B . -0.52 1.15 -4.37
C3B HEM B . -1.69 0.99 -3.58
C4B HEM B . -1.85 -0.42 -3.46
CMB HEM B . 0.18 2.42 -4.86
CAB HEM B . -2.57 1.97 -3.01
CBB HEM B . -2.75 3.42 -3.28
C1C HEM B . -3.26 -2.40 -2.73
C2C HEM B . -4.32 -2.87 -1.99
C3C HEM B . -4.14 -4.27 -1.89
C4C HEM B . -2.94 -4.53 -2.60
CMC HEM B . -5.49 -2.02 -1.39
CAC HEM B . -4.87 -5.25 -1.26
CBC HEM B . -6.26 -5.52 -1.29
C1D HEM B . -1.37 -6.06 -3.79
C2D HEM B . -0.94 -7.36 -4.11
C3D HEM B . 0.19 -7.22 -4.89
C4D HEM B . 0.36 -5.84 -4.99
CMD HEM B . -1.59 -8.70 -3.67
CAD HEM B . 1.12 -8.29 -5.56
CBD HEM B . 0.61 -8.61 -7.03
CGD HEM B . 1.43 -9.62 -7.91
O1D HEM B . 0.89 -10.31 -8.74
O2D HEM B . 2.66 -9.69 -7.75
NA HEM B . 0.99 -2.91 -5.28
NB HEM B . -0.89 -1.08 -4.09
NC HEM B . -2.45 -3.38 -3.09
ND HEM B . -0.58 -5.19 -4.33
FE HEM B . -0.76 -3.14 -4.23
CBB TMI C . 2.47 -4.54 2.80
CBC TMI C . 2.48 -3.81 3.99
CBD TMI C . 1.80 -2.60 4.06
CBE TMI C . 1.11 -2.12 2.95
CBF TMI C . 1.11 -2.84 1.77
CBA TMI C . 1.79 -4.06 1.69
CAA TMI C . 1.77 -4.86 0.39
NAB TMI C . 1.45 -4.00 -0.77
CAF TMI C . 2.15 -2.93 -1.13
CAE TMI C . 1.56 -2.44 -2.22
NAD TMI C . 0.52 -3.22 -2.52
CAC TMI C . 0.45 -4.19 -1.61
CCA TMI C . 0.79 -6.04 0.47
CCB TMI C . 1.03 -7.18 -0.29
CCC TMI C . 0.11 -8.22 -0.30
CCF TMI C . -0.36 -5.96 1.23
CCE TMI C . -1.29 -7.00 1.22
CCD TMI C . -1.07 -8.13 0.45
CDA TMI C . -1.99 -9.17 0.43
CDB TMI C . -1.57 -10.50 0.35
CDC TMI C . -2.49 -11.54 0.38
CDD TMI C . -3.85 -11.26 0.49
CDE TMI C . -4.28 -9.94 0.58
CDF TMI C . -3.35 -8.91 0.54
CBB TMI D . -1.71 -11.18 15.47
CBC TMI D . -0.65 -10.27 15.50
CBD TMI D . -0.46 -9.40 14.43
CBE TMI D . -1.30 -9.44 13.32
CBF TMI D . -2.35 -10.35 13.29
CBA TMI D . -2.55 -11.23 14.36
CAA TMI D . -3.67 -12.27 14.32
NAB TMI D . -3.26 -13.48 13.60
CAF TMI D . -2.52 -13.54 12.49
CAE TMI D . -2.43 -14.82 12.15
NAD TMI D . -3.11 -15.54 13.03
CAC TMI D . -3.63 -14.72 13.94
CCA TMI D . -4.97 -11.68 13.76
CCB TMI D . -5.81 -10.95 14.58
CCC TMI D . -6.99 -10.41 14.06
CCF TMI D . -5.31 -11.88 12.42
CCE TMI D . -6.49 -11.35 11.91
CCD TMI D . -7.34 -10.61 12.74
CDA TMI D . -8.54 -10.10 12.23
CDB TMI D . -9.05 -8.90 12.72
CDC TMI D . -10.24 -8.39 12.21
CDD TMI D . -10.92 -9.06 11.19
CDE TMI D . -10.41 -10.25 10.70
CDF TMI D . -9.21 -10.77 11.22
CBB TMI E . 16.73 1.93 3.10
CBC TMI E . 15.83 2.89 2.66
CBD TMI E . 14.96 2.59 1.61
CBE TMI E . 14.99 1.33 1.00
CBF TMI E . 15.90 0.38 1.45
CBA TMI E . 16.77 0.67 2.50
CAA TMI E . 17.76 -0.38 3.01
NAB TMI E . 17.11 -1.35 3.91
CAF TMI E . 17.69 -1.91 4.96
CAE TMI E . 16.79 -2.67 5.56
NAD TMI E . 15.65 -2.59 4.87
CAC TMI E . 15.85 -1.77 3.84
CCA TMI E . 18.48 -1.08 1.85
CCB TMI E . 19.59 -0.46 1.27
CCC TMI E . 20.22 -1.04 0.19
CCF TMI E . 18.02 -2.28 1.33
CCE TMI E . 18.65 -2.85 0.24
CCD TMI E . 19.75 -2.24 -0.35
CDA TMI E . 20.38 -2.80 -1.45
CDB TMI E . 21.74 -2.62 -1.67
CDC TMI E . 22.39 -3.21 -2.75
CDD TMI E . 21.66 -4.00 -3.65
CDE TMI E . 20.29 -4.19 -3.44
CDF TMI E . 19.66 -3.60 -2.35
C7 CM5 F . 3.88 -10.66 1.65
C8 CM5 F . 5.23 -10.24 2.23
C9 CM5 F . 5.56 -11.03 3.49
C10 CM5 F . 5.54 -12.53 3.20
C11 CM5 F . 4.19 -12.96 2.64
C6 CM5 F . 3.87 -12.17 1.35
C5 CM5 F . 2.53 -12.60 0.79
C4 CM5 F . 2.36 -12.05 -0.63
C3 CM5 F . 0.99 -12.37 -1.25
C2 CM5 F . 0.72 -13.87 -1.39
C1 CM5 F . -0.24 -14.10 -2.55
O12 CM5 F . 0.49 -13.78 -3.75
C13 CM5 F . -0.36 -13.55 -4.88
C18 CM5 F . 0.53 -13.11 -6.05
O22 CM5 F . 1.14 -11.87 -5.73
C17 CM5 F . -0.30 -12.95 -7.33
O21 CM5 F . 0.58 -12.75 -8.44
O14 CM5 F . -1.12 -14.72 -5.24
C15 CM5 F . -1.99 -14.47 -6.35
C19 CM5 F . -2.93 -15.66 -6.57
O20 CM5 F . -2.17 -16.84 -6.85
C16 CM5 F . -1.15 -14.19 -7.59
O23 CM5 F . -1.99 -13.95 -8.74
C24 CM5 F . -1.32 -14.35 -9.95
O25 CM5 F . -1.66 -15.71 -10.26
C26 CM5 F . -3.07 -15.93 -10.40
C30 CM5 F . -3.26 -17.40 -10.76
O31 CM5 F . -4.66 -17.70 -10.90
C27 CM5 F . -3.65 -15.05 -11.51
O32 CM5 F . -5.08 -15.14 -11.51
C28 CM5 F . -3.27 -13.59 -11.30
O33 CM5 F . -3.68 -12.82 -12.44
C29 CM5 F . -1.75 -13.46 -11.11
O34 CM5 F . -1.41 -12.10 -10.84
C7 CM5 G . 10.59 -14.13 6.55
C8 CM5 G . 11.27 -14.06 7.92
C9 CM5 G . 10.28 -13.57 8.98
C10 CM5 G . 9.04 -14.48 9.03
C11 CM5 G . 8.38 -14.55 7.65
C6 CM5 G . 9.37 -15.06 6.58
C5 CM5 G . 8.66 -15.05 5.23
C4 CM5 G . 9.58 -15.47 4.08
C3 CM5 G . 8.88 -15.27 2.73
C2 CM5 G . 7.88 -16.38 2.41
C1 CM5 G . 8.61 -17.65 2.00
O12 CM5 G . 9.44 -17.34 0.88
C13 CM5 G . 8.95 -17.98 -0.32
C18 CM5 G . 9.62 -17.33 -1.53
O22 CM5 G . 9.23 -15.95 -1.60
C17 CM5 G . 9.17 -18.05 -2.80
O21 CM5 G . 9.87 -17.49 -3.92
O14 CM5 G . 9.28 -19.38 -0.27
C15 CM5 G . 8.85 -20.11 -1.44
C19 CM5 G . 9.34 -21.55 -1.26
O20 CM5 G . 8.95 -22.04 0.02
C16 CM5 G . 9.49 -19.54 -2.70
O23 CM5 G . 8.99 -20.19 -3.88
C24 CM5 G . 9.84 -21.25 -4.32
O25 CM5 G . 9.27 -22.50 -3.92
C26 CM5 G . 7.92 -22.69 -4.40
C30 CM5 G . 7.38 -24.02 -3.88
O31 CM5 G . 6.03 -24.19 -4.32
C27 CM5 G . 7.91 -22.69 -5.95
O32 CM5 G . 6.56 -22.75 -6.40
C28 CM5 G . 8.57 -21.41 -6.47
O33 CM5 G . 8.69 -21.49 -7.89
C29 CM5 G . 9.95 -21.21 -5.84
O34 CM5 G . 10.51 -19.96 -6.27
C7 CM5 H . -13.36 -16.94 9.80
C8 CM5 H . -13.16 -15.64 9.00
C9 CM5 H . -13.05 -14.44 9.94
C10 CM5 H . -11.91 -14.65 10.94
C11 CM5 H . -12.11 -15.94 11.73
C6 CM5 H . -12.21 -17.15 10.80
C5 CM5 H . -12.49 -18.42 11.60
C4 CM5 H . -11.35 -18.78 12.55
C3 CM5 H . -11.68 -19.98 13.41
C2 CM5 H . -12.88 -19.70 14.30
C1 CM5 H . -14.12 -20.53 13.90
O12 CM5 H . -14.08 -21.86 14.41
C13 CM5 H . -13.99 -21.84 15.84
C18 CM5 H . -15.31 -21.50 16.55
O22 CM5 H . -15.89 -20.32 15.98
C17 CM5 H . -15.00 -21.26 18.03
O21 CM5 H . -16.25 -21.11 18.72
O14 CM5 H . -13.60 -23.12 16.37
C15 CM5 H . -13.15 -22.99 17.73
C19 CM5 H . -12.82 -24.39 18.24
O20 CM5 H . -11.86 -25.03 17.41
C16 CM5 H . -14.22 -22.41 18.65
O23 CM5 H . -13.59 -21.90 19.84
C24 CM5 H . -13.87 -22.63 21.04
O25 CM5 H . -13.53 -24.03 20.91
C26 CM5 H . -13.60 -24.69 22.19
C30 CM5 H . -13.07 -26.11 22.08
O31 CM5 H . -13.05 -26.71 23.38
C27 CM5 H . -15.06 -24.69 22.67
O32 CM5 H . -15.13 -25.31 23.96
C28 CM5 H . -15.54 -23.24 22.79
O33 CM5 H . -16.93 -23.21 23.16
C29 CM5 H . -15.33 -22.47 21.48
O34 CM5 H . -15.61 -21.09 21.69
C7 CM5 I . 19.27 -0.78 -4.38
C8 CM5 I . 18.01 -1.65 -4.41
C9 CM5 I . 16.75 -0.79 -4.33
C10 CM5 I . 16.73 0.24 -5.46
C11 CM5 I . 17.98 1.11 -5.43
C6 CM5 I . 19.24 0.24 -5.52
C5 CM5 I . 20.51 1.10 -5.58
C4 CM5 I . 20.92 1.80 -4.28
C3 CM5 I . 21.52 0.84 -3.24
C2 CM5 I . 22.75 0.12 -3.77
C1 CM5 I . 23.98 1.04 -3.92
O12 CM5 I . 24.56 1.30 -2.64
C13 CM5 I . 25.82 1.98 -2.82
C18 CM5 I . 26.50 2.20 -1.47
O22 CM5 I . 25.67 3.01 -0.65
C17 CM5 I . 27.85 2.90 -1.68
O21 CM5 I . 28.53 3.00 -0.42
O14 CM5 I . 26.70 1.20 -3.65
C15 CM5 I . 27.92 1.88 -3.94
C19 CM5 I . 28.76 1.04 -4.92
O20 CM5 I . 29.02 -0.24 -4.34
C16 CM5 I . 28.72 2.12 -2.66
O23 CM5 I . 29.93 2.83 -2.95
C24 CM5 I . 30.99 2.41 -2.08
O25 CM5 I . 31.60 1.20 -2.55
C26 CM5 I . 32.18 1.33 -3.86
C30 CM5 I . 32.77 0.00 -4.31
O31 CM5 I . 31.73 -0.99 -4.41
C27 CM5 I . 33.30 2.38 -3.84
O32 CM5 I . 33.81 2.56 -5.16
C28 CM5 I . 32.74 3.72 -3.33
O33 CM5 I . 33.80 4.66 -3.20
C29 CM5 I . 32.05 3.52 -1.98
O34 CM5 I . 31.46 4.74 -1.56
#